data_5N3W
#
_entry.id   5N3W
#
_cell.length_a   78.250
_cell.length_b   87.050
_cell.length_c   99.960
_cell.angle_alpha   90.00
_cell.angle_beta   90.00
_cell.angle_gamma   90.00
#
_symmetry.space_group_name_H-M   'P 21 21 21'
#
loop_
_entity.id
_entity.type
_entity.pdbx_description
1 polymer 'Leukotriene A-4 hydrolase'
2 non-polymer 'ZINC ION'
3 non-polymer 'YTTERBIUM (III) ION'
4 non-polymer IMIDAZOLE
5 non-polymer 3-[2-(2-hydroxyphenyl)ethyl]-5-methoxy-phenol
6 non-polymer 'ACETATE ION'
7 water water
#
_entity_poly.entity_id   1
_entity_poly.type   'polypeptide(L)'
_entity_poly.pdbx_seq_one_letter_code
;MPEIVDTCSLASPASVCRTKHLHLRCSVDFTRRTLTGTAALTVQSQEDNLRSLVLDTKDLTIEKVVINGQEVKYALGERQ
SYKGSPMEISLPIALSKNQEIVIEISFETSPKSSALQWLTPEQTSGKEHPYLFSQCQAIHCRAILPCQDTPSVKLTYTAE
VSVPKELVALMSAIRDGETPDPEDPSRKIYKFIQKVPIPCYLIALVVGALESRQIGPRTLVWSEKEQVEKSAYEFSETES
MLKIAEDLGGPYVWGQYDLLVLPPSFPYGGMENPCLTFVTPTLLAGDKSLSNVIAHEISHSWTGNLVTNKTWDHFWLNEG
HTVYLERHICGRLFGEKFRHFNALGGWGELQNSVKTFGETHPFTKLVVDLTDIDPDVAYSSVPYEKGFALLFYLEQLLGG
PEIFLGFLKAYVEKFSYKSITTDDWKDFLYSYFKDKVDVLNQVDWNAWLYSPGLPPIKPNYDMTLTNACIALSQRWITAK
EDDLNSFNATDLKDLSSHQLNEFLAQTLQRAPLPLGHIKRMQEVYNFNAINNSEIRFRWLRLCIQSKWEDAIPLALKMAT
EQGRMKFTRPLFKDLAAFDKSHDQAVRTYQEHKASMHPVTAMLVGKDLKVDVDHHHHHH
;
_entity_poly.pdbx_strand_id   A
#
loop_
_chem_comp.id
_chem_comp.type
_chem_comp.name
_chem_comp.formula
8KW non-polymer 3-[2-(2-hydroxyphenyl)ethyl]-5-methoxy-phenol 'C15 H16 O3'
ACT non-polymer 'ACETATE ION' 'C2 H3 O2 -1'
IMD non-polymer IMIDAZOLE 'C3 H5 N2 1'
YB non-polymer 'YTTERBIUM (III) ION' 'Yb 3'
ZN non-polymer 'ZINC ION' 'Zn 2'
#
# COMPACT_ATOMS: atom_id res chain seq x y z
N VAL A 5 14.12 0.17 19.27
CA VAL A 5 14.73 -0.85 18.35
C VAL A 5 13.71 -1.44 17.39
N ASP A 6 14.10 -1.62 16.13
CA ASP A 6 13.16 -2.18 15.14
C ASP A 6 13.10 -3.72 15.22
N THR A 7 12.06 -4.18 15.90
CA THR A 7 11.82 -5.59 16.16
C THR A 7 11.60 -6.47 14.91
N CYS A 8 11.07 -5.92 13.81
CA CYS A 8 10.81 -6.69 12.56
C CYS A 8 12.04 -6.82 11.68
N SER A 9 13.16 -6.31 12.15
CA SER A 9 14.41 -6.31 11.41
C SER A 9 15.46 -7.01 12.24
N LEU A 10 16.37 -7.73 11.56
CA LEU A 10 17.47 -8.42 12.20
C LEU A 10 18.82 -7.74 11.91
N ALA A 11 18.83 -6.66 11.13
CA ALA A 11 20.09 -5.96 10.83
C ALA A 11 20.56 -5.20 12.05
N SER A 12 21.79 -4.66 11.99
CA SER A 12 22.32 -3.88 13.11
C SER A 12 21.54 -2.62 13.00
N PRO A 13 21.10 -2.08 14.12
CA PRO A 13 20.27 -0.92 14.08
C PRO A 13 21.05 0.32 13.73
N ALA A 14 20.30 1.38 13.42
CA ALA A 14 20.81 2.66 13.00
C ALA A 14 21.73 3.32 14.02
N SER A 15 21.57 2.98 15.29
CA SER A 15 22.48 3.40 16.35
C SER A 15 23.90 2.83 16.23
N VAL A 16 24.12 1.88 15.31
CA VAL A 16 25.40 1.23 15.03
C VAL A 16 26.07 1.67 13.70
N CYS A 17 25.35 1.45 12.60
CA CYS A 17 25.75 1.91 11.29
C CYS A 17 24.52 2.29 10.50
N ARG A 18 24.75 3.08 9.45
CA ARG A 18 23.68 3.58 8.59
C ARG A 18 24.05 3.53 7.14
N THR A 19 23.25 2.84 6.35
CA THR A 19 23.37 2.89 4.91
C THR A 19 23.00 4.28 4.44
N LYS A 20 23.93 4.85 3.68
CA LYS A 20 23.82 6.17 3.07
C LYS A 20 23.40 6.12 1.61
N HIS A 21 23.73 5.02 0.91
CA HIS A 21 23.55 4.94 -0.53
C HIS A 21 23.69 3.51 -0.96
N LEU A 22 22.97 3.15 -2.02
CA LEU A 22 23.04 1.82 -2.59
C LEU A 22 23.35 1.95 -4.06
N HIS A 23 24.38 1.26 -4.55
CA HIS A 23 24.50 1.15 -5.97
C HIS A 23 24.21 -0.27 -6.31
N LEU A 24 23.17 -0.47 -7.12
CA LEU A 24 22.72 -1.79 -7.54
C LEU A 24 22.87 -1.88 -9.06
N ARG A 25 23.55 -2.93 -9.51
CA ARG A 25 23.72 -3.22 -10.91
C ARG A 25 23.26 -4.65 -11.03
N CYS A 26 22.14 -4.89 -11.72
CA CYS A 26 21.53 -6.24 -11.73
C CYS A 26 21.00 -6.64 -13.06
N SER A 27 20.57 -7.89 -13.16
CA SER A 27 20.12 -8.42 -14.40
C SER A 27 18.93 -9.35 -14.14
N VAL A 28 17.83 -9.03 -14.84
CA VAL A 28 16.56 -9.71 -14.72
C VAL A 28 16.59 -10.86 -15.68
N ASP A 29 16.45 -12.08 -15.18
CA ASP A 29 16.54 -13.30 -16.00
C ASP A 29 15.18 -13.98 -15.94
N PHE A 30 14.44 -13.93 -17.05
CA PHE A 30 13.08 -14.51 -17.06
C PHE A 30 13.07 -16.02 -17.18
N THR A 31 14.13 -16.61 -17.72
CA THR A 31 14.25 -18.06 -17.78
C THR A 31 14.43 -18.69 -16.39
N ARG A 32 15.09 -17.97 -15.49
CA ARG A 32 15.31 -18.47 -14.14
C ARG A 32 14.51 -17.76 -13.08
N ARG A 33 13.81 -16.68 -13.42
CA ARG A 33 13.02 -15.94 -12.44
C ARG A 33 13.90 -15.48 -11.30
N THR A 34 15.06 -14.94 -11.66
CA THR A 34 16.01 -14.44 -10.69
C THR A 34 16.48 -13.06 -11.09
N LEU A 35 16.90 -12.31 -10.08
CA LEU A 35 17.68 -11.08 -10.22
C LEU A 35 19.04 -11.41 -9.74
N THR A 36 20.03 -11.06 -10.52
CA THR A 36 21.40 -11.31 -10.16
C THR A 36 22.15 -10.00 -10.36
N GLY A 37 23.05 -9.70 -9.43
CA GLY A 37 23.81 -8.48 -9.52
C GLY A 37 24.57 -8.19 -8.25
N THR A 38 24.94 -6.92 -8.10
CA THR A 38 25.65 -6.49 -6.91
C THR A 38 24.99 -5.30 -6.26
N ALA A 39 24.97 -5.32 -4.95
CA ALA A 39 24.43 -4.27 -4.16
C ALA A 39 25.61 -3.69 -3.40
N ALA A 40 26.04 -2.52 -3.83
CA ALA A 40 27.13 -1.83 -3.18
C ALA A 40 26.53 -0.86 -2.22
N LEU A 41 26.70 -1.12 -0.95
CA LEU A 41 26.13 -0.26 0.04
C LEU A 41 27.22 0.60 0.52
N THR A 42 26.95 1.89 0.65
CA THR A 42 27.88 2.81 1.30
C THR A 42 27.40 2.92 2.76
N VAL A 43 28.21 2.38 3.69
CA VAL A 43 27.83 2.28 5.08
C VAL A 43 28.70 3.14 5.94
N GLN A 44 28.07 4.01 6.71
CA GLN A 44 28.76 4.82 7.69
C GLN A 44 28.67 4.11 9.02
N SER A 45 29.74 4.12 9.79
CA SER A 45 29.72 3.56 11.14
C SER A 45 29.26 4.58 12.15
N GLN A 46 28.53 4.11 13.17
CA GLN A 46 28.04 5.00 14.24
C GLN A 46 28.75 4.80 15.55
N GLU A 47 29.70 3.87 15.57
CA GLU A 47 30.41 3.58 16.81
C GLU A 47 31.87 3.63 16.55
N ASP A 48 32.57 3.68 17.68
CA ASP A 48 33.97 3.40 17.73
C ASP A 48 34.21 1.91 17.44
N ASN A 49 35.31 1.61 16.74
CA ASN A 49 35.91 0.27 16.75
C ASN A 49 34.97 -0.76 16.19
N LEU A 50 34.32 -0.42 15.09
CA LEU A 50 33.28 -1.26 14.54
C LEU A 50 33.95 -2.27 13.66
N ARG A 51 33.70 -3.55 13.93
CA ARG A 51 34.35 -4.68 13.23
C ARG A 51 33.38 -5.58 12.50
N SER A 52 32.09 -5.37 12.68
CA SER A 52 31.09 -6.22 12.03
C SER A 52 29.75 -5.53 11.93
N LEU A 53 28.93 -6.02 11.01
CA LEU A 53 27.54 -5.60 10.95
C LEU A 53 26.66 -6.70 10.40
N VAL A 54 25.37 -6.62 10.71
CA VAL A 54 24.40 -7.57 10.18
C VAL A 54 23.47 -6.87 9.19
N LEU A 55 23.15 -7.58 8.13
CA LEU A 55 22.19 -7.14 7.15
C LEU A 55 21.04 -8.12 7.12
N ASP A 56 19.91 -7.66 6.58
CA ASP A 56 18.72 -8.48 6.41
C ASP A 56 18.79 -9.19 5.08
N THR A 57 18.36 -10.44 5.07
CA THR A 57 18.26 -11.16 3.83
C THR A 57 17.11 -12.15 3.88
N LYS A 58 16.60 -12.50 2.70
CA LYS A 58 15.56 -13.50 2.63
C LYS A 58 15.61 -14.29 1.35
N ASP A 59 15.94 -15.56 1.47
CA ASP A 59 16.01 -16.49 0.36
C ASP A 59 16.92 -15.96 -0.73
N LEU A 60 17.96 -15.23 -0.33
CA LEU A 60 18.94 -14.73 -1.28
C LEU A 60 20.06 -15.74 -1.25
N THR A 61 20.61 -16.01 -2.42
CA THR A 61 21.84 -16.73 -2.51
C THR A 61 22.95 -15.67 -2.53
N ILE A 62 23.96 -15.84 -1.68
CA ILE A 62 25.09 -14.93 -1.63
C ILE A 62 26.32 -15.63 -2.19
N GLU A 63 26.89 -15.01 -3.21
CA GLU A 63 28.08 -15.54 -3.86
C GLU A 63 29.37 -15.07 -3.17
N LYS A 64 29.42 -13.81 -2.74
CA LYS A 64 30.65 -13.25 -2.19
C LYS A 64 30.45 -11.81 -1.73
N VAL A 65 31.36 -11.37 -0.88
CA VAL A 65 31.33 -10.00 -0.34
C VAL A 65 32.72 -9.39 -0.40
N VAL A 66 32.79 -8.22 -1.01
CA VAL A 66 34.04 -7.59 -1.41
C VAL A 66 34.05 -6.20 -0.83
N ILE A 67 35.03 -5.95 0.03
CA ILE A 67 35.36 -4.61 0.53
C ILE A 67 36.85 -4.36 0.24
N ASN A 68 37.16 -3.16 -0.24
CA ASN A 68 38.53 -2.74 -0.57
C ASN A 68 39.20 -3.57 -1.69
N GLY A 69 38.39 -4.13 -2.59
CA GLY A 69 38.88 -5.02 -3.64
C GLY A 69 39.20 -6.44 -3.23
N GLN A 70 38.77 -6.88 -2.06
CA GLN A 70 39.07 -8.25 -1.60
C GLN A 70 37.92 -8.92 -0.86
N GLU A 71 37.77 -10.23 -1.08
CA GLU A 71 36.66 -10.97 -0.52
C GLU A 71 36.80 -11.12 1.01
N VAL A 72 35.75 -10.75 1.73
CA VAL A 72 35.73 -10.80 3.18
C VAL A 72 34.86 -11.93 3.59
N LYS A 73 34.96 -12.29 4.86
CA LYS A 73 34.21 -13.39 5.43
C LYS A 73 32.82 -12.91 5.88
N TYR A 74 31.86 -13.82 5.78
CA TYR A 74 30.51 -13.50 6.17
C TYR A 74 29.82 -14.80 6.49
N ALA A 75 28.76 -14.69 7.29
CA ALA A 75 27.97 -15.87 7.64
C ALA A 75 26.47 -15.58 7.60
N LEU A 76 25.74 -16.54 7.07
CA LEU A 76 24.31 -16.49 7.03
C LEU A 76 23.77 -17.24 8.23
N GLY A 77 22.92 -16.55 8.97
CA GLY A 77 22.24 -17.13 10.11
C GLY A 77 21.12 -18.02 9.60
N GLU A 78 20.61 -18.86 10.49
CA GLU A 78 19.43 -19.69 10.20
C GLU A 78 18.18 -18.81 9.98
N ARG A 79 17.29 -19.28 9.10
CA ARG A 79 16.06 -18.56 8.79
C ARG A 79 15.19 -18.37 10.03
N GLN A 80 14.57 -17.20 10.14
CA GLN A 80 13.67 -16.87 11.25
C GLN A 80 12.33 -16.48 10.66
N SER A 81 11.65 -17.48 10.10
CA SER A 81 10.34 -17.36 9.44
C SER A 81 10.26 -16.17 8.46
N TYR A 82 9.19 -15.39 8.58
CA TYR A 82 8.95 -14.25 7.73
C TYR A 82 10.05 -13.21 7.83
N LYS A 83 10.82 -13.22 8.93
CA LYS A 83 11.95 -12.31 9.05
C LYS A 83 13.14 -12.61 8.11
N GLY A 84 13.34 -13.87 7.70
CA GLY A 84 14.49 -14.24 6.85
C GLY A 84 15.76 -14.60 7.64
N SER A 85 16.89 -14.57 6.96
CA SER A 85 18.17 -14.97 7.55
C SER A 85 19.16 -13.79 7.74
N PRO A 86 19.67 -13.56 8.97
CA PRO A 86 20.65 -12.48 9.15
C PRO A 86 21.99 -12.76 8.46
N MET A 87 22.64 -11.72 7.93
CA MET A 87 23.92 -11.85 7.21
C MET A 87 25.01 -11.00 7.81
N GLU A 88 25.86 -11.60 8.65
CA GLU A 88 26.94 -10.92 9.37
C GLU A 88 28.16 -10.82 8.46
N ILE A 89 28.71 -9.63 8.33
CA ILE A 89 29.90 -9.41 7.52
C ILE A 89 31.03 -9.04 8.47
N SER A 90 32.09 -9.86 8.46
CA SER A 90 33.32 -9.52 9.18
C SER A 90 34.02 -8.43 8.39
N LEU A 91 34.13 -7.26 9.01
CA LEU A 91 34.83 -6.15 8.38
C LEU A 91 36.38 -6.38 8.40
N PRO A 92 37.11 -5.99 7.32
CA PRO A 92 38.56 -6.19 7.34
C PRO A 92 39.37 -5.20 8.20
N ILE A 93 38.90 -3.95 8.35
CA ILE A 93 39.57 -2.95 9.18
C ILE A 93 38.52 -2.26 10.00
N ALA A 94 38.80 -2.10 11.28
CA ALA A 94 37.86 -1.47 12.19
C ALA A 94 37.64 0.02 11.89
N LEU A 95 36.38 0.41 11.96
CA LEU A 95 35.96 1.74 11.64
C LEU A 95 35.82 2.55 12.92
N SER A 96 36.24 3.81 12.83
CA SER A 96 35.90 4.78 13.86
C SER A 96 34.48 5.27 13.56
N LYS A 97 33.98 6.11 14.44
CA LYS A 97 32.67 6.70 14.27
C LYS A 97 32.66 7.57 13.06
N ASN A 98 31.56 7.56 12.35
CA ASN A 98 31.40 8.30 11.07
C ASN A 98 32.33 7.90 9.93
N GLN A 99 33.02 6.77 10.03
CA GLN A 99 33.83 6.35 8.91
C GLN A 99 32.93 5.68 7.92
N GLU A 100 33.23 5.85 6.63
CA GLU A 100 32.38 5.30 5.57
C GLU A 100 33.11 4.29 4.70
N ILE A 101 32.55 3.10 4.61
CA ILE A 101 33.05 2.07 3.68
C ILE A 101 32.04 1.67 2.60
N VAL A 102 32.53 0.99 1.58
CA VAL A 102 31.67 0.49 0.55
C VAL A 102 31.69 -1.03 0.53
N ILE A 103 30.52 -1.64 0.63
CA ILE A 103 30.39 -3.12 0.65
C ILE A 103 29.62 -3.50 -0.61
N GLU A 104 30.17 -4.39 -1.41
CA GLU A 104 29.58 -4.79 -2.65
C GLU A 104 29.28 -6.27 -2.53
N ILE A 105 28.00 -6.64 -2.50
CA ILE A 105 27.58 -8.01 -2.20
C ILE A 105 27.04 -8.61 -3.46
N SER A 106 27.61 -9.72 -3.89
CA SER A 106 27.12 -10.38 -5.09
C SER A 106 26.03 -11.29 -4.64
N PHE A 107 24.84 -11.12 -5.23
CA PHE A 107 23.67 -11.88 -4.81
C PHE A 107 22.80 -12.37 -5.97
N GLU A 108 21.93 -13.31 -5.64
CA GLU A 108 20.88 -13.75 -6.51
C GLU A 108 19.57 -13.92 -5.74
N THR A 109 18.44 -13.55 -6.36
CA THR A 109 17.14 -13.78 -5.74
C THR A 109 16.72 -15.20 -6.04
N SER A 110 15.88 -15.74 -5.17
CA SER A 110 15.16 -16.99 -5.44
C SER A 110 13.85 -16.69 -6.23
N PRO A 111 13.39 -17.62 -7.11
CA PRO A 111 12.07 -17.39 -7.71
C PRO A 111 10.90 -17.29 -6.74
N LYS A 112 11.06 -17.84 -5.53
CA LYS A 112 10.04 -17.72 -4.47
C LYS A 112 10.09 -16.42 -3.69
N SER A 113 10.97 -15.50 -4.08
CA SER A 113 11.09 -14.22 -3.41
C SER A 113 9.71 -13.64 -3.11
N SER A 114 9.49 -13.31 -1.87
CA SER A 114 8.21 -12.78 -1.47
C SER A 114 7.99 -11.35 -1.93
N ALA A 115 9.00 -10.71 -2.53
CA ALA A 115 8.83 -9.35 -2.94
C ALA A 115 8.46 -9.26 -4.40
N LEU A 116 8.48 -10.37 -5.14
CA LEU A 116 8.33 -10.30 -6.58
C LEU A 116 7.29 -11.26 -7.13
N GLN A 117 6.62 -10.83 -8.19
CA GLN A 117 5.77 -11.72 -8.91
C GLN A 117 6.30 -11.83 -10.34
N TRP A 118 6.46 -13.07 -10.79
CA TRP A 118 6.97 -13.37 -12.10
C TRP A 118 5.82 -13.81 -12.99
N LEU A 119 5.39 -12.87 -13.84
CA LEU A 119 4.28 -13.08 -14.72
C LEU A 119 4.72 -13.65 -16.02
N THR A 120 4.18 -14.84 -16.32
CA THR A 120 4.24 -15.42 -17.65
C THR A 120 3.48 -14.55 -18.70
N PRO A 121 3.74 -14.81 -19.98
CA PRO A 121 3.12 -13.96 -20.99
C PRO A 121 1.58 -14.01 -21.03
N GLU A 122 1.02 -15.20 -20.85
CA GLU A 122 -0.44 -15.37 -20.79
C GLU A 122 -1.10 -14.60 -19.62
N GLN A 123 -0.32 -14.29 -18.59
CA GLN A 123 -0.82 -13.49 -17.49
C GLN A 123 -0.78 -11.98 -17.71
N THR A 124 -0.35 -11.54 -18.88
CA THR A 124 -0.33 -10.12 -19.20
C THR A 124 -1.41 -9.81 -20.25
N SER A 125 -1.60 -8.52 -20.52
CA SER A 125 -2.52 -8.06 -21.56
C SER A 125 -2.09 -8.50 -22.97
N GLY A 126 -0.81 -8.28 -23.26
CA GLY A 126 -0.25 -8.54 -24.58
C GLY A 126 -0.12 -9.98 -25.01
N LYS A 127 0.15 -10.85 -24.04
CA LYS A 127 0.26 -12.30 -24.28
C LYS A 127 1.54 -12.79 -24.97
N GLU A 128 2.40 -11.87 -25.42
CA GLU A 128 3.69 -12.19 -26.04
C GLU A 128 4.82 -12.21 -25.01
N HIS A 129 4.95 -11.10 -24.26
CA HIS A 129 6.05 -10.90 -23.33
C HIS A 129 5.71 -11.13 -21.86
N PRO A 130 6.73 -11.52 -21.05
CA PRO A 130 6.57 -11.65 -19.61
C PRO A 130 6.69 -10.31 -18.87
N TYR A 131 6.38 -10.36 -17.58
CA TYR A 131 6.31 -9.16 -16.73
C TYR A 131 6.78 -9.56 -15.35
N LEU A 132 7.33 -8.59 -14.62
CA LEU A 132 7.77 -8.77 -13.23
C LEU A 132 7.53 -7.47 -12.44
N PHE A 133 7.16 -7.57 -11.16
CA PHE A 133 7.03 -6.34 -10.38
C PHE A 133 7.35 -6.58 -8.91
N SER A 134 7.46 -5.49 -8.15
CA SER A 134 7.85 -5.56 -6.76
C SER A 134 6.96 -4.74 -5.84
N GLN A 135 6.89 -5.26 -4.62
CA GLN A 135 6.21 -4.63 -3.52
C GLN A 135 7.11 -4.93 -2.32
N CYS A 136 7.75 -3.88 -1.76
CA CYS A 136 8.71 -4.07 -0.68
C CYS A 136 8.12 -3.69 0.64
N GLN A 137 7.11 -2.79 0.69
CA GLN A 137 6.38 -2.58 1.94
C GLN A 137 5.74 -3.91 2.32
N ALA A 138 5.91 -4.40 3.56
CA ALA A 138 6.63 -3.75 4.68
C ALA A 138 8.08 -4.13 4.73
N ILE A 139 8.35 -5.44 4.84
CA ILE A 139 9.71 -5.92 5.04
C ILE A 139 10.10 -6.97 4.05
N HIS A 140 9.78 -6.71 2.79
CA HIS A 140 10.21 -7.59 1.68
C HIS A 140 11.35 -7.06 0.85
N CYS A 141 11.87 -5.88 1.15
CA CYS A 141 13.06 -5.43 0.39
C CYS A 141 14.32 -6.35 0.59
N ARG A 142 14.38 -7.05 1.71
CA ARG A 142 15.43 -8.03 2.03
C ARG A 142 15.28 -9.28 1.20
N ALA A 143 14.10 -9.47 0.57
CA ALA A 143 13.89 -10.53 -0.42
C ALA A 143 14.45 -10.20 -1.78
N ILE A 144 14.85 -8.97 -1.99
CA ILE A 144 15.49 -8.56 -3.25
C ILE A 144 17.00 -8.43 -3.10
N LEU A 145 17.42 -7.80 -1.99
CA LEU A 145 18.85 -7.54 -1.73
C LEU A 145 19.18 -7.35 -0.26
N PRO A 146 20.41 -7.75 0.14
CA PRO A 146 20.78 -7.54 1.53
C PRO A 146 20.83 -6.06 1.86
N CYS A 147 20.29 -5.71 3.02
CA CYS A 147 20.08 -4.33 3.43
C CYS A 147 19.65 -4.26 4.88
N GLN A 148 19.76 -3.07 5.43
CA GLN A 148 19.19 -2.74 6.73
C GLN A 148 17.72 -2.44 6.47
N ASP A 149 16.92 -3.50 6.54
CA ASP A 149 15.51 -3.48 6.12
C ASP A 149 14.61 -2.95 7.21
N THR A 150 14.73 -1.65 7.45
CA THR A 150 13.97 -0.95 8.45
C THR A 150 13.75 0.46 7.95
N PRO A 151 12.55 1.04 8.24
CA PRO A 151 12.38 2.42 7.86
C PRO A 151 13.10 3.43 8.77
N SER A 152 13.90 2.95 9.74
CA SER A 152 14.71 3.82 10.60
C SER A 152 15.97 4.32 9.91
N VAL A 153 16.15 3.96 8.65
CA VAL A 153 17.31 4.30 7.89
C VAL A 153 16.91 4.78 6.51
N LYS A 154 17.45 5.91 6.09
CA LYS A 154 17.17 6.43 4.76
C LYS A 154 18.42 6.55 3.94
N LEU A 155 18.27 6.21 2.66
CA LEU A 155 19.37 6.21 1.71
C LEU A 155 18.99 6.64 0.30
N THR A 156 19.97 7.24 -0.39
CA THR A 156 19.83 7.48 -1.80
C THR A 156 20.26 6.22 -2.52
N TYR A 157 19.98 6.12 -3.80
CA TYR A 157 20.47 4.98 -4.56
C TYR A 157 20.58 5.31 -6.02
N THR A 158 21.24 4.39 -6.72
CA THR A 158 21.31 4.44 -8.16
C THR A 158 21.20 3.02 -8.67
N ALA A 159 20.77 2.83 -9.90
CA ALA A 159 20.75 1.47 -10.42
C ALA A 159 20.97 1.34 -11.88
N GLU A 160 21.48 0.19 -12.27
CA GLU A 160 21.63 -0.17 -13.65
C GLU A 160 21.04 -1.57 -13.77
N VAL A 161 20.09 -1.73 -14.67
CA VAL A 161 19.25 -2.90 -14.74
C VAL A 161 19.27 -3.46 -16.18
N SER A 162 19.73 -4.69 -16.34
CA SER A 162 19.86 -5.32 -17.64
C SER A 162 18.66 -6.21 -17.86
N VAL A 163 17.95 -5.91 -18.94
CA VAL A 163 16.71 -6.60 -19.24
C VAL A 163 16.62 -6.95 -20.73
N PRO A 164 15.74 -7.92 -21.11
CA PRO A 164 15.53 -8.15 -22.53
C PRO A 164 15.26 -6.84 -23.25
N LYS A 165 15.97 -6.67 -24.35
CA LYS A 165 16.02 -5.40 -25.07
C LYS A 165 14.64 -4.99 -25.56
N GLU A 166 13.80 -6.00 -25.86
CA GLU A 166 12.40 -5.82 -26.24
C GLU A 166 11.54 -5.30 -25.08
N LEU A 167 12.02 -5.50 -23.84
CA LEU A 167 11.40 -4.98 -22.60
C LEU A 167 11.90 -3.63 -22.06
N VAL A 168 11.17 -3.14 -21.07
CA VAL A 168 11.41 -1.84 -20.49
C VAL A 168 11.41 -1.91 -18.93
N ALA A 169 12.30 -1.11 -18.34
CA ALA A 169 12.44 -1.07 -16.90
C ALA A 169 12.29 0.34 -16.37
N LEU A 170 11.58 0.40 -15.26
CA LEU A 170 11.29 1.61 -14.54
C LEU A 170 11.61 1.31 -13.10
N MET A 171 11.93 2.34 -12.33
CA MET A 171 12.12 2.22 -10.89
C MET A 171 11.58 3.48 -10.19
N SER A 172 11.63 3.48 -8.86
CA SER A 172 11.21 4.64 -8.06
C SER A 172 12.32 5.65 -7.95
N ALA A 173 12.63 6.27 -9.08
CA ALA A 173 13.75 7.16 -9.21
C ALA A 173 13.69 7.85 -10.53
N ILE A 174 14.50 8.91 -10.67
CA ILE A 174 14.60 9.55 -11.96
C ILE A 174 15.20 8.56 -12.99
N ARG A 175 14.53 8.48 -14.14
CA ARG A 175 15.03 7.63 -15.17
C ARG A 175 16.27 8.29 -15.71
N ASP A 176 17.38 7.55 -15.66
CA ASP A 176 18.66 8.10 -16.06
C ASP A 176 19.30 7.61 -17.35
N GLY A 177 18.51 7.01 -18.25
CA GLY A 177 18.99 6.74 -19.60
C GLY A 177 18.98 5.27 -19.89
N GLU A 178 19.08 4.95 -21.18
CA GLU A 178 18.99 3.57 -21.63
C GLU A 178 20.06 3.27 -22.65
N THR A 179 20.67 2.10 -22.53
CA THR A 179 21.63 1.67 -23.52
C THR A 179 21.58 0.20 -23.72
N PRO A 180 21.99 -0.25 -24.91
CA PRO A 180 22.14 -1.67 -25.12
C PRO A 180 23.25 -2.24 -24.23
N ASP A 181 23.19 -3.54 -24.02
CA ASP A 181 24.12 -4.22 -23.13
C ASP A 181 25.46 -4.39 -23.86
N PRO A 182 26.55 -3.77 -23.32
CA PRO A 182 27.87 -3.97 -23.94
C PRO A 182 28.25 -5.42 -24.00
N GLU A 183 28.05 -6.11 -22.87
CA GLU A 183 28.33 -7.53 -22.81
C GLU A 183 27.35 -8.43 -23.61
N ASP A 184 26.05 -8.09 -23.66
CA ASP A 184 25.05 -8.92 -24.39
C ASP A 184 24.13 -8.11 -25.31
N PRO A 185 24.30 -8.21 -26.65
CA PRO A 185 23.53 -7.28 -27.47
C PRO A 185 22.02 -7.54 -27.52
N SER A 186 21.56 -8.72 -27.11
CA SER A 186 20.12 -8.99 -27.04
C SER A 186 19.40 -8.26 -25.89
N ARG A 187 20.13 -7.48 -25.07
CA ARG A 187 19.57 -6.86 -23.85
C ARG A 187 19.80 -5.36 -23.82
N LYS A 188 19.09 -4.69 -22.92
CA LYS A 188 19.24 -3.27 -22.70
C LYS A 188 19.59 -3.07 -21.25
N ILE A 189 20.41 -2.06 -20.98
CA ILE A 189 20.61 -1.57 -19.63
C ILE A 189 19.88 -0.25 -19.55
N TYR A 190 19.07 -0.14 -18.48
CA TYR A 190 18.34 1.06 -18.15
C TYR A 190 18.91 1.57 -16.82
N LYS A 191 19.04 2.86 -16.66
CA LYS A 191 19.69 3.42 -15.45
C LYS A 191 18.80 4.39 -14.65
N PHE A 192 19.01 4.49 -13.33
CA PHE A 192 18.07 5.19 -12.42
C PHE A 192 18.77 5.90 -11.30
N ILE A 193 18.45 7.18 -11.03
CA ILE A 193 19.01 7.88 -9.87
C ILE A 193 17.93 8.42 -8.95
N GLN A 194 18.09 8.16 -7.64
CA GLN A 194 17.17 8.65 -6.62
C GLN A 194 17.94 9.49 -5.65
N LYS A 195 17.88 10.80 -5.83
CA LYS A 195 18.69 11.77 -5.08
C LYS A 195 18.17 12.11 -3.74
N VAL A 196 16.94 11.68 -3.43
CA VAL A 196 16.33 12.05 -2.16
C VAL A 196 16.45 10.86 -1.28
N PRO A 197 16.99 11.07 -0.06
CA PRO A 197 17.16 9.89 0.77
C PRO A 197 15.83 9.27 1.05
N ILE A 198 15.74 7.96 0.85
CA ILE A 198 14.54 7.18 1.05
C ILE A 198 14.75 5.93 1.91
N PRO A 199 13.73 5.53 2.70
CA PRO A 199 13.84 4.24 3.32
C PRO A 199 13.66 3.18 2.27
N CYS A 200 14.23 2.02 2.51
CA CYS A 200 14.34 1.00 1.49
C CYS A 200 13.06 0.28 1.12
N TYR A 201 11.99 0.39 1.94
CA TYR A 201 10.71 -0.14 1.52
C TYR A 201 10.16 0.54 0.23
N LEU A 202 10.66 1.73 -0.10
CA LEU A 202 10.30 2.41 -1.34
C LEU A 202 11.13 2.02 -2.61
N ILE A 203 12.07 1.08 -2.49
CA ILE A 203 12.78 0.60 -3.67
C ILE A 203 11.78 -0.22 -4.50
N ALA A 204 11.73 0.06 -5.80
CA ALA A 204 10.69 -0.45 -6.68
C ALA A 204 11.19 -0.74 -8.07
N LEU A 205 10.75 -1.86 -8.61
CA LEU A 205 11.12 -2.29 -9.93
C LEU A 205 9.95 -2.92 -10.61
N VAL A 206 9.84 -2.67 -11.91
CA VAL A 206 8.87 -3.30 -12.76
C VAL A 206 9.57 -3.46 -14.10
N VAL A 207 9.41 -4.64 -14.70
CA VAL A 207 10.03 -4.93 -15.98
C VAL A 207 9.01 -5.56 -16.89
N GLY A 208 8.67 -4.87 -17.98
CA GLY A 208 7.65 -5.38 -18.89
C GLY A 208 7.50 -4.58 -20.16
N ALA A 209 6.56 -4.97 -20.98
CA ALA A 209 6.26 -4.29 -22.23
C ALA A 209 5.45 -3.05 -21.93
N LEU A 210 6.13 -1.94 -21.60
CA LEU A 210 5.42 -0.72 -21.14
C LEU A 210 5.42 0.36 -22.15
N GLU A 211 4.34 1.13 -22.17
CA GLU A 211 4.16 2.29 -23.03
C GLU A 211 3.84 3.40 -22.12
N SER A 212 4.10 4.61 -22.55
CA SER A 212 3.86 5.81 -21.76
C SER A 212 3.09 6.81 -22.60
N ARG A 213 2.28 7.63 -21.93
CA ARG A 213 1.66 8.78 -22.53
C ARG A 213 1.57 9.80 -21.42
N GLN A 214 1.79 11.03 -21.82
CA GLN A 214 1.88 12.17 -20.95
C GLN A 214 0.51 12.69 -20.57
N ILE A 215 0.30 12.94 -19.31
CA ILE A 215 -1.01 13.44 -18.83
C ILE A 215 -0.89 14.70 -18.03
N GLY A 216 0.31 15.21 -17.90
CA GLY A 216 0.51 16.47 -17.22
C GLY A 216 1.90 16.96 -17.41
N PRO A 217 2.24 18.11 -16.80
CA PRO A 217 3.54 18.66 -17.03
C PRO A 217 4.64 17.89 -16.31
N ARG A 218 4.29 17.16 -15.24
CA ARG A 218 5.22 16.25 -14.56
C ARG A 218 4.69 14.85 -14.40
N THR A 219 3.79 14.40 -15.28
CA THR A 219 3.20 13.05 -15.19
C THR A 219 3.11 12.29 -16.52
N LEU A 220 3.68 11.10 -16.53
CA LEU A 220 3.46 10.17 -17.64
C LEU A 220 2.76 8.93 -17.08
N VAL A 221 1.91 8.32 -17.88
CA VAL A 221 1.17 7.16 -17.41
C VAL A 221 1.81 5.93 -18.03
N TRP A 222 2.12 4.95 -17.22
CA TRP A 222 2.81 3.77 -17.72
C TRP A 222 1.87 2.60 -17.64
N SER A 223 1.80 1.82 -18.72
CA SER A 223 1.18 0.48 -18.69
C SER A 223 1.49 -0.34 -19.94
N GLU A 224 0.85 -1.50 -20.08
CA GLU A 224 0.83 -2.24 -21.35
C GLU A 224 -0.04 -1.47 -22.33
N LYS A 225 0.25 -1.61 -23.63
CA LYS A 225 -0.42 -0.79 -24.68
C LYS A 225 -1.95 -0.83 -24.62
N GLU A 226 -2.49 -2.02 -24.34
CA GLU A 226 -3.94 -2.22 -24.20
C GLU A 226 -4.51 -1.30 -23.13
N GLN A 227 -3.73 -0.94 -22.11
CA GLN A 227 -4.28 -0.14 -21.00
C GLN A 227 -4.02 1.38 -21.00
N VAL A 228 -3.25 1.92 -21.94
CA VAL A 228 -2.81 3.34 -21.85
C VAL A 228 -3.90 4.38 -22.04
N GLU A 229 -4.73 4.22 -23.08
CA GLU A 229 -5.81 5.17 -23.33
C GLU A 229 -6.72 5.33 -22.10
N LYS A 230 -7.19 4.23 -21.56
CA LYS A 230 -8.06 4.24 -20.37
C LYS A 230 -7.37 4.79 -19.15
N SER A 231 -6.09 4.47 -19.00
CA SER A 231 -5.37 4.97 -17.85
C SER A 231 -5.18 6.50 -17.89
N ALA A 232 -4.92 7.04 -19.07
CA ALA A 232 -4.70 8.50 -19.23
C ALA A 232 -5.97 9.30 -18.94
N TYR A 233 -7.12 8.73 -19.28
CA TYR A 233 -8.38 9.38 -19.00
C TYR A 233 -8.72 9.33 -17.52
N GLU A 234 -8.59 8.14 -16.94
CA GLU A 234 -8.98 7.88 -15.55
C GLU A 234 -8.23 8.69 -14.53
N PHE A 235 -6.99 9.02 -14.85
CA PHE A 235 -6.09 9.70 -13.90
C PHE A 235 -5.69 11.08 -14.39
N SER A 236 -6.58 11.76 -15.09
CA SER A 236 -6.25 13.04 -15.69
C SER A 236 -6.31 14.19 -14.69
N GLU A 237 -6.80 13.97 -13.48
CA GLU A 237 -6.78 15.05 -12.47
C GLU A 237 -5.56 15.03 -11.50
N THR A 238 -4.55 14.24 -11.86
CA THR A 238 -3.38 14.11 -11.04
C THR A 238 -2.66 15.43 -10.90
N GLU A 239 -2.44 16.16 -12.01
CA GLU A 239 -1.80 17.48 -11.83
C GLU A 239 -2.58 18.42 -10.88
N SER A 240 -3.91 18.35 -10.91
CA SER A 240 -4.77 19.21 -10.10
C SER A 240 -4.62 18.84 -8.64
N MET A 241 -4.65 17.55 -8.38
CA MET A 241 -4.36 16.95 -7.06
C MET A 241 -2.96 17.28 -6.55
N LEU A 242 -1.99 17.24 -7.41
CA LEU A 242 -0.63 17.60 -6.99
C LEU A 242 -0.55 19.04 -6.55
N LYS A 243 -1.12 19.97 -7.33
CA LYS A 243 -1.10 21.39 -6.97
C LYS A 243 -1.73 21.64 -5.63
N ILE A 244 -2.74 20.85 -5.26
CA ILE A 244 -3.37 20.99 -3.95
C ILE A 244 -2.51 20.44 -2.86
N ALA A 245 -1.92 19.25 -3.12
CA ALA A 245 -1.06 18.52 -2.16
C ALA A 245 0.19 19.31 -1.84
N GLU A 246 0.73 20.00 -2.87
CA GLU A 246 1.84 20.99 -2.71
C GLU A 246 1.41 22.21 -1.91
N ASP A 247 0.25 22.76 -2.22
CA ASP A 247 -0.26 23.89 -1.43
C ASP A 247 -0.48 23.54 0.05
N LEU A 248 -0.92 22.31 0.35
CA LEU A 248 -1.04 21.80 1.72
C LEU A 248 0.25 21.21 2.36
N GLY A 249 0.97 20.39 1.59
CA GLY A 249 2.23 19.77 2.08
C GLY A 249 3.47 20.68 2.16
N GLY A 250 3.64 21.49 1.11
CA GLY A 250 4.82 22.31 0.88
C GLY A 250 5.35 21.75 -0.41
N PRO A 251 6.51 22.23 -0.86
CA PRO A 251 7.05 21.78 -2.15
C PRO A 251 7.11 20.26 -2.35
N TYR A 252 6.86 19.84 -3.57
CA TYR A 252 7.08 18.46 -3.98
C TYR A 252 8.58 18.35 -4.25
N VAL A 253 9.27 17.44 -3.59
CA VAL A 253 10.75 17.38 -3.67
C VAL A 253 11.29 16.27 -4.55
N TRP A 254 10.40 15.53 -5.19
CA TRP A 254 10.72 14.29 -5.89
C TRP A 254 10.91 14.47 -7.42
N GLY A 255 10.74 15.71 -7.91
CA GLY A 255 10.79 16.00 -9.35
C GLY A 255 9.56 15.59 -10.17
N GLN A 256 9.62 14.39 -10.70
CA GLN A 256 8.57 13.80 -11.51
C GLN A 256 7.44 13.24 -10.62
N TYR A 257 6.31 12.87 -11.22
CA TYR A 257 5.30 11.99 -10.60
C TYR A 257 4.63 11.15 -11.67
N ASP A 258 5.23 10.02 -12.00
CA ASP A 258 4.64 9.09 -12.95
C ASP A 258 3.77 8.03 -12.25
N LEU A 259 2.82 7.51 -13.00
CA LEU A 259 1.91 6.48 -12.52
C LEU A 259 2.05 5.25 -13.35
N LEU A 260 2.15 4.13 -12.68
CA LEU A 260 2.27 2.87 -13.33
C LEU A 260 1.04 2.13 -12.93
N VAL A 261 0.32 1.65 -13.95
CA VAL A 261 -0.87 0.83 -13.78
C VAL A 261 -0.39 -0.58 -14.01
N LEU A 262 -0.43 -1.37 -12.95
CA LEU A 262 0.07 -2.76 -12.96
C LEU A 262 -0.94 -3.77 -13.43
N PRO A 263 -0.50 -5.03 -13.64
CA PRO A 263 -1.45 -6.04 -14.01
C PRO A 263 -2.39 -6.34 -12.84
N PRO A 264 -3.46 -7.11 -13.06
CA PRO A 264 -4.45 -7.22 -11.95
C PRO A 264 -4.03 -7.95 -10.65
N SER A 265 -2.96 -8.76 -10.70
CA SER A 265 -2.45 -9.47 -9.50
C SER A 265 -1.77 -8.54 -8.48
N PHE A 266 -1.72 -7.25 -8.78
CA PHE A 266 -1.05 -6.34 -7.89
C PHE A 266 -1.86 -6.32 -6.64
N PRO A 267 -1.22 -6.45 -5.45
CA PRO A 267 -2.02 -6.68 -4.25
C PRO A 267 -2.59 -5.47 -3.55
N TYR A 268 -2.15 -4.26 -3.87
CA TYR A 268 -2.69 -3.05 -3.23
C TYR A 268 -3.38 -2.13 -4.24
N GLY A 269 -4.20 -1.22 -3.71
CA GLY A 269 -4.81 -0.17 -4.49
C GLY A 269 -3.74 0.74 -5.05
N GLY A 270 -2.78 1.08 -4.19
CA GLY A 270 -1.62 1.85 -4.60
C GLY A 270 -0.42 1.59 -3.70
N MET A 271 0.73 1.94 -4.24
CA MET A 271 1.99 1.97 -3.51
C MET A 271 2.74 3.21 -3.91
N GLU A 272 3.12 3.97 -2.89
CA GLU A 272 3.69 5.30 -3.06
C GLU A 272 5.20 5.35 -3.40
N ASN A 273 5.58 4.64 -4.47
CA ASN A 273 6.96 4.57 -4.85
C ASN A 273 7.37 5.91 -5.43
N PRO A 274 8.36 6.59 -4.79
CA PRO A 274 8.81 7.90 -5.27
C PRO A 274 9.10 8.00 -6.75
N CYS A 275 8.45 8.98 -7.38
CA CYS A 275 8.53 9.22 -8.79
C CYS A 275 7.74 8.21 -9.64
N LEU A 276 7.25 7.11 -9.08
CA LEU A 276 6.49 6.12 -9.84
C LEU A 276 5.56 5.33 -8.94
N THR A 277 4.46 5.98 -8.58
CA THR A 277 3.34 5.33 -7.89
C THR A 277 2.83 4.14 -8.68
N PHE A 278 2.59 3.03 -7.97
CA PHE A 278 2.00 1.85 -8.60
C PHE A 278 0.54 1.94 -8.25
N VAL A 279 -0.32 1.66 -9.21
CA VAL A 279 -1.76 1.60 -8.97
C VAL A 279 -2.36 0.33 -9.57
N THR A 280 -3.39 -0.18 -8.89
CA THR A 280 -4.21 -1.32 -9.38
C THR A 280 -4.99 -0.97 -10.69
N PRO A 281 -5.02 -1.86 -11.67
CA PRO A 281 -5.93 -1.55 -12.78
C PRO A 281 -7.45 -1.62 -12.42
N THR A 282 -7.81 -2.08 -11.23
CA THR A 282 -9.20 -1.93 -10.74
C THR A 282 -9.61 -0.50 -10.41
N LEU A 283 -8.74 0.48 -10.67
CA LEU A 283 -9.13 1.88 -10.50
C LEU A 283 -9.76 2.37 -11.77
N LEU A 284 -9.68 1.56 -12.84
CA LEU A 284 -10.20 2.00 -14.12
C LEU A 284 -11.67 1.73 -14.15
N ALA A 285 -12.43 2.64 -13.53
CA ALA A 285 -13.89 2.49 -13.46
C ALA A 285 -14.60 3.10 -14.72
N GLY A 286 -13.84 3.80 -15.59
CA GLY A 286 -14.37 4.55 -16.74
C GLY A 286 -14.74 6.01 -16.42
N ASP A 287 -14.75 6.42 -15.14
CA ASP A 287 -15.33 7.72 -14.74
C ASP A 287 -14.60 8.54 -13.68
N LYS A 288 -13.43 8.10 -13.23
CA LYS A 288 -12.58 8.81 -12.26
C LYS A 288 -13.14 8.83 -10.86
N SER A 289 -14.03 7.86 -10.60
CA SER A 289 -14.79 7.76 -9.37
C SER A 289 -13.91 7.29 -8.24
N LEU A 290 -12.81 6.62 -8.56
CA LEU A 290 -11.93 6.03 -7.52
C LEU A 290 -10.61 6.84 -7.43
N SER A 291 -10.70 8.13 -7.74
CA SER A 291 -9.53 9.02 -7.84
C SER A 291 -8.87 9.31 -6.48
N ASN A 292 -9.60 9.03 -5.41
CA ASN A 292 -9.13 9.23 -4.05
C ASN A 292 -7.90 8.38 -3.70
N VAL A 293 -7.75 7.24 -4.37
CA VAL A 293 -6.57 6.40 -4.20
C VAL A 293 -5.36 7.16 -4.73
N ILE A 294 -5.51 7.84 -5.88
CA ILE A 294 -4.40 8.66 -6.39
C ILE A 294 -4.05 9.76 -5.39
N ALA A 295 -5.05 10.29 -4.71
CA ALA A 295 -4.89 11.34 -3.73
C ALA A 295 -4.24 10.81 -2.51
N HIS A 296 -4.40 9.52 -2.27
CA HIS A 296 -3.70 8.88 -1.19
C HIS A 296 -2.24 8.65 -1.54
N GLU A 297 -1.96 8.28 -2.79
CA GLU A 297 -0.57 8.07 -3.23
C GLU A 297 0.23 9.35 -3.37
N ILE A 298 -0.39 10.38 -3.96
CA ILE A 298 0.17 11.74 -3.98
C ILE A 298 0.50 12.29 -2.61
N SER A 299 -0.40 12.12 -1.63
CA SER A 299 -0.23 12.65 -0.24
C SER A 299 0.94 12.01 0.51
N HIS A 300 1.19 10.73 0.24
CA HIS A 300 2.30 9.98 0.79
C HIS A 300 3.64 10.62 0.48
N SER A 301 3.70 11.28 -0.70
CA SER A 301 4.90 12.08 -1.10
C SER A 301 5.45 12.99 -0.01
N TRP A 302 4.57 13.42 0.92
CA TRP A 302 4.99 14.16 2.11
C TRP A 302 4.90 13.23 3.32
N THR A 303 3.67 12.73 3.58
CA THR A 303 3.37 11.92 4.76
C THR A 303 3.63 10.48 4.35
N GLY A 304 4.84 10.04 4.63
CA GLY A 304 5.28 8.71 4.26
C GLY A 304 6.66 8.78 3.72
N ASN A 305 6.77 9.32 2.53
CA ASN A 305 8.05 9.35 1.83
C ASN A 305 9.05 10.40 2.36
N LEU A 306 8.52 11.52 2.90
CA LEU A 306 9.34 12.58 3.54
C LEU A 306 9.35 12.45 5.07
N VAL A 307 8.18 12.29 5.65
CA VAL A 307 8.10 12.01 7.08
C VAL A 307 7.79 10.56 7.11
N THR A 308 8.73 9.77 7.62
CA THR A 308 8.63 8.33 7.64
C THR A 308 8.53 7.86 9.05
N ASN A 309 7.79 6.74 9.23
CA ASN A 309 7.69 5.99 10.50
C ASN A 309 8.98 5.20 10.86
N LYS A 310 9.52 5.43 12.07
CA LYS A 310 10.80 4.82 12.45
C LYS A 310 10.72 3.30 12.41
N THR A 311 9.59 2.80 12.85
CA THR A 311 9.31 1.37 12.79
C THR A 311 7.89 1.16 12.33
N TRP A 312 7.59 -0.09 12.03
CA TRP A 312 6.27 -0.50 11.59
C TRP A 312 5.24 -0.56 12.72
N ASP A 313 5.69 -0.55 13.98
CA ASP A 313 4.78 -0.30 15.09
C ASP A 313 4.10 1.09 14.99
N HIS A 314 4.69 2.01 14.20
CA HIS A 314 4.13 3.36 14.05
C HIS A 314 3.60 3.69 12.66
N PHE A 315 3.21 2.68 11.91
CA PHE A 315 2.67 2.81 10.55
C PHE A 315 1.53 3.78 10.50
N TRP A 316 0.68 3.79 11.52
CA TRP A 316 -0.42 4.76 11.58
C TRP A 316 0.06 6.18 11.24
N LEU A 317 1.27 6.56 11.63
CA LEU A 317 1.84 7.87 11.23
C LEU A 317 1.88 8.03 9.71
N ASN A 318 2.25 6.96 9.02
CA ASN A 318 2.19 6.96 7.58
C ASN A 318 0.78 7.15 7.12
N GLU A 319 -0.07 6.14 7.35
CA GLU A 319 -1.40 6.12 6.73
C GLU A 319 -2.41 7.14 7.21
N GLY A 320 -2.39 7.47 8.49
CA GLY A 320 -3.39 8.35 9.06
C GLY A 320 -3.23 9.77 8.63
N HIS A 321 -2.00 10.24 8.50
CA HIS A 321 -1.78 11.61 8.06
C HIS A 321 -2.04 11.72 6.60
N THR A 322 -1.88 10.61 5.90
CA THR A 322 -2.06 10.57 4.46
C THR A 322 -3.52 10.57 4.12
N VAL A 323 -4.30 9.74 4.83
CA VAL A 323 -5.74 9.69 4.66
C VAL A 323 -6.31 11.06 5.03
N TYR A 324 -5.75 11.67 6.05
CA TYR A 324 -6.12 13.05 6.36
C TYR A 324 -5.85 14.02 5.18
N LEU A 325 -4.69 13.95 4.53
CA LEU A 325 -4.40 14.81 3.38
C LEU A 325 -5.24 14.47 2.13
N GLU A 326 -5.37 13.18 1.86
CA GLU A 326 -6.17 12.67 0.73
C GLU A 326 -7.64 13.14 0.71
N ARG A 327 -8.25 13.17 1.88
CA ARG A 327 -9.62 13.64 2.03
C ARG A 327 -9.65 15.15 1.99
N HIS A 328 -8.57 15.78 2.43
CA HIS A 328 -8.42 17.21 2.23
C HIS A 328 -8.27 17.59 0.79
N ILE A 329 -7.65 16.72 0.00
CA ILE A 329 -7.57 17.02 -1.42
C ILE A 329 -8.98 16.90 -1.93
N CYS A 330 -9.60 15.77 -1.62
CA CYS A 330 -10.92 15.46 -2.15
C CYS A 330 -11.95 16.53 -1.72
N GLY A 331 -11.81 17.01 -0.49
CA GLY A 331 -12.56 18.16 0.00
C GLY A 331 -12.39 19.42 -0.81
N ARG A 332 -11.19 19.69 -1.32
CA ARG A 332 -10.96 20.90 -2.14
C ARG A 332 -11.68 20.81 -3.45
N LEU A 333 -11.46 19.69 -4.10
CA LEU A 333 -12.01 19.46 -5.39
C LEU A 333 -13.53 19.49 -5.36
N PHE A 334 -14.12 18.80 -4.39
CA PHE A 334 -15.55 18.53 -4.46
C PHE A 334 -16.44 19.05 -3.37
N GLY A 335 -15.87 19.73 -2.38
CA GLY A 335 -16.64 20.39 -1.34
C GLY A 335 -16.38 19.79 0.00
N GLU A 336 -16.53 20.61 1.02
CA GLU A 336 -16.36 20.19 2.40
C GLU A 336 -17.36 19.10 2.83
N LYS A 337 -18.60 19.20 2.35
CA LYS A 337 -19.59 18.18 2.63
C LYS A 337 -19.19 16.81 2.05
N PHE A 338 -18.41 16.83 0.97
CA PHE A 338 -17.92 15.59 0.36
C PHE A 338 -16.79 15.01 1.21
N ARG A 339 -15.99 15.88 1.84
CA ARG A 339 -14.92 15.40 2.69
C ARG A 339 -15.48 14.63 3.87
N HIS A 340 -16.52 15.22 4.47
CA HIS A 340 -17.21 14.60 5.61
C HIS A 340 -17.85 13.30 5.21
N PHE A 341 -18.47 13.25 4.03
CA PHE A 341 -19.02 12.00 3.52
C PHE A 341 -17.99 10.86 3.45
N ASN A 342 -16.81 11.16 2.89
CA ASN A 342 -15.70 10.20 2.82
C ASN A 342 -15.18 9.86 4.22
N ALA A 343 -15.11 10.87 5.06
CA ALA A 343 -14.65 10.71 6.43
C ALA A 343 -15.59 9.76 7.15
N LEU A 344 -16.90 9.98 7.01
CA LEU A 344 -17.90 9.16 7.71
C LEU A 344 -17.86 7.70 7.26
N GLY A 345 -17.69 7.48 5.95
CA GLY A 345 -17.49 6.13 5.37
C GLY A 345 -16.26 5.48 5.98
N GLY A 346 -15.26 6.30 6.23
CA GLY A 346 -14.03 5.87 6.83
C GLY A 346 -14.24 5.29 8.20
N TRP A 347 -14.98 6.01 9.03
CA TRP A 347 -15.41 5.50 10.33
C TRP A 347 -16.21 4.23 10.17
N GLY A 348 -17.00 4.16 9.08
CA GLY A 348 -17.78 2.98 8.74
C GLY A 348 -16.90 1.75 8.54
N GLU A 349 -15.84 1.92 7.76
CA GLU A 349 -14.88 0.85 7.51
C GLU A 349 -14.09 0.51 8.77
N LEU A 350 -13.81 1.51 9.62
CA LEU A 350 -13.25 1.25 10.95
C LEU A 350 -14.16 0.37 11.83
N GLN A 351 -15.48 0.61 11.77
CA GLN A 351 -16.45 -0.26 12.50
C GLN A 351 -16.32 -1.73 12.12
N ASN A 352 -16.24 -1.96 10.83
CA ASN A 352 -16.16 -3.29 10.31
C ASN A 352 -14.85 -3.98 10.69
N SER A 353 -13.72 -3.26 10.67
CA SER A 353 -12.44 -3.87 11.04
C SER A 353 -12.45 -4.34 12.50
N VAL A 354 -12.97 -3.48 13.38
CA VAL A 354 -13.12 -3.78 14.80
C VAL A 354 -14.13 -4.87 15.04
N LYS A 355 -15.22 -4.90 14.28
CA LYS A 355 -16.18 -6.02 14.34
C LYS A 355 -15.48 -7.30 13.90
N THR A 356 -14.81 -7.25 12.75
CA THR A 356 -14.07 -8.39 12.21
C THR A 356 -12.98 -8.95 13.13
N PHE A 357 -12.08 -8.11 13.65
CA PHE A 357 -11.01 -8.58 14.55
C PHE A 357 -11.53 -8.92 15.94
N GLY A 358 -12.54 -8.17 16.36
CA GLY A 358 -13.01 -8.23 17.72
C GLY A 358 -12.46 -7.00 18.40
N GLU A 359 -13.31 -6.39 19.22
CA GLU A 359 -13.04 -5.10 19.81
C GLU A 359 -11.93 -5.05 20.83
N THR A 360 -11.45 -6.20 21.28
CA THR A 360 -10.32 -6.24 22.22
C THR A 360 -9.09 -6.84 21.58
N HIS A 361 -9.15 -7.12 20.28
CA HIS A 361 -8.06 -7.76 19.59
C HIS A 361 -6.91 -6.77 19.36
N PRO A 362 -5.65 -7.22 19.61
CA PRO A 362 -4.47 -6.34 19.54
C PRO A 362 -4.22 -5.52 18.25
N PHE A 363 -4.46 -6.10 17.07
CA PHE A 363 -4.39 -5.36 15.79
C PHE A 363 -5.43 -4.24 15.62
N THR A 364 -6.28 -4.02 16.62
CA THR A 364 -7.19 -2.90 16.62
C THR A 364 -6.65 -1.69 17.36
N LYS A 365 -5.46 -1.81 17.96
CA LYS A 365 -4.77 -0.66 18.60
C LYS A 365 -4.09 0.19 17.53
N LEU A 366 -4.00 1.50 17.76
CA LEU A 366 -3.44 2.41 16.74
C LEU A 366 -1.95 2.10 16.53
N VAL A 367 -1.24 2.09 17.66
CA VAL A 367 0.14 1.68 17.80
C VAL A 367 0.13 0.21 18.21
N VAL A 368 0.69 -0.62 17.36
CA VAL A 368 0.79 -2.05 17.59
C VAL A 368 2.19 -2.33 18.10
N ASP A 369 2.38 -3.49 18.70
CA ASP A 369 3.69 -4.00 18.95
C ASP A 369 3.86 -5.19 18.03
N LEU A 370 4.70 -5.05 17.00
CA LEU A 370 4.91 -6.12 16.03
C LEU A 370 6.04 -7.14 16.33
N THR A 371 6.42 -7.34 17.59
CA THR A 371 7.41 -8.38 17.91
C THR A 371 6.81 -9.75 17.55
N ASP A 372 7.53 -10.53 16.75
CA ASP A 372 7.08 -11.88 16.34
C ASP A 372 5.75 -11.90 15.55
N ILE A 373 5.40 -10.79 14.88
CA ILE A 373 4.19 -10.76 14.08
C ILE A 373 4.55 -10.34 12.66
N ASP A 374 4.18 -11.18 11.70
CA ASP A 374 4.41 -10.88 10.29
C ASP A 374 3.57 -9.61 10.06
N PRO A 375 4.19 -8.56 9.47
CA PRO A 375 3.35 -7.39 9.20
C PRO A 375 2.24 -7.64 8.12
N ASP A 376 2.45 -8.61 7.21
CA ASP A 376 1.44 -8.97 6.21
C ASP A 376 0.17 -9.50 6.87
N VAL A 377 0.35 -10.16 7.99
CA VAL A 377 -0.74 -10.70 8.76
C VAL A 377 -1.52 -9.64 9.53
N ALA A 378 -0.86 -8.57 9.98
CA ALA A 378 -1.50 -7.51 10.76
C ALA A 378 -2.13 -6.40 9.90
N TYR A 379 -1.73 -6.33 8.63
CA TYR A 379 -2.19 -5.27 7.76
C TYR A 379 -3.71 -5.22 7.78
N SER A 380 -4.27 -4.05 8.09
CA SER A 380 -5.72 -3.83 8.00
C SER A 380 -6.06 -2.33 7.75
N SER A 381 -7.35 -2.02 7.75
CA SER A 381 -7.78 -0.63 7.58
C SER A 381 -7.69 0.17 8.85
N VAL A 382 -7.39 -0.51 9.95
CA VAL A 382 -7.34 0.14 11.25
C VAL A 382 -6.35 1.30 11.32
N PRO A 383 -5.08 1.08 10.93
CA PRO A 383 -4.15 2.20 11.09
C PRO A 383 -4.49 3.44 10.24
N TYR A 384 -5.10 3.22 9.07
CA TYR A 384 -5.58 4.27 8.19
C TYR A 384 -6.73 5.05 8.88
N GLU A 385 -7.76 4.32 9.30
CA GLU A 385 -8.96 4.99 9.78
C GLU A 385 -8.91 5.43 11.20
N LYS A 386 -8.28 4.64 12.05
CA LYS A 386 -8.12 5.12 13.43
C LYS A 386 -7.19 6.32 13.46
N GLY A 387 -6.20 6.31 12.56
CA GLY A 387 -5.25 7.40 12.43
C GLY A 387 -5.97 8.60 11.90
N PHE A 388 -6.73 8.38 10.85
CA PHE A 388 -7.56 9.47 10.36
C PHE A 388 -8.55 9.99 11.41
N ALA A 389 -9.23 9.10 12.13
CA ALA A 389 -10.22 9.50 13.11
C ALA A 389 -9.58 10.36 14.21
N LEU A 390 -8.44 9.88 14.72
CA LEU A 390 -7.71 10.67 15.72
C LEU A 390 -7.38 12.06 15.25
N LEU A 391 -6.86 12.16 14.03
CA LEU A 391 -6.52 13.47 13.44
C LEU A 391 -7.75 14.33 13.19
N PHE A 392 -8.89 13.70 12.83
CA PHE A 392 -10.17 14.42 12.63
C PHE A 392 -10.70 14.95 13.96
N TYR A 393 -10.63 14.10 14.97
CA TYR A 393 -11.03 14.51 16.31
C TYR A 393 -10.19 15.70 16.76
N LEU A 394 -8.87 15.57 16.60
CA LEU A 394 -7.94 16.63 16.97
C LEU A 394 -8.21 17.93 16.18
N GLU A 395 -8.45 17.82 14.89
CA GLU A 395 -8.91 18.99 14.11
C GLU A 395 -10.07 19.73 14.77
N GLN A 396 -11.10 18.98 15.15
CA GLN A 396 -12.32 19.61 15.67
C GLN A 396 -12.13 20.25 17.00
N LEU A 397 -11.42 19.54 17.86
CA LEU A 397 -11.05 20.03 19.17
C LEU A 397 -10.13 21.27 19.12
N LEU A 398 -9.20 21.32 18.15
CA LEU A 398 -8.15 22.36 18.13
C LEU A 398 -8.41 23.58 17.25
N GLY A 399 -9.62 23.72 16.74
CA GLY A 399 -10.03 24.93 16.03
C GLY A 399 -10.32 24.79 14.54
N GLY A 400 -10.55 23.58 14.07
CA GLY A 400 -11.07 23.36 12.71
C GLY A 400 -10.03 23.18 11.63
N PRO A 401 -10.49 23.00 10.37
CA PRO A 401 -9.57 22.59 9.32
C PRO A 401 -8.38 23.53 9.06
N GLU A 402 -8.57 24.85 9.07
CA GLU A 402 -7.48 25.74 8.65
C GLU A 402 -6.32 25.62 9.63
N ILE A 403 -6.62 25.64 10.92
CA ILE A 403 -5.62 25.53 11.98
C ILE A 403 -4.92 24.18 11.94
N PHE A 404 -5.67 23.08 11.73
CA PHE A 404 -5.02 21.78 11.82
C PHE A 404 -4.10 21.52 10.63
N LEU A 405 -4.43 22.12 9.49
CA LEU A 405 -3.54 22.19 8.32
C LEU A 405 -2.27 23.01 8.55
N GLY A 406 -2.34 24.06 9.33
CA GLY A 406 -1.12 24.73 9.78
C GLY A 406 -0.20 23.81 10.56
N PHE A 407 -0.78 22.95 11.41
CA PHE A 407 0.00 21.98 12.16
C PHE A 407 0.62 20.91 11.24
N LEU A 408 -0.12 20.55 10.19
CA LEU A 408 0.22 19.47 9.27
C LEU A 408 1.36 19.83 8.31
N LYS A 409 1.44 21.08 7.90
CA LYS A 409 2.52 21.57 7.04
C LYS A 409 3.81 21.69 7.85
N ALA A 410 3.68 22.26 9.05
CA ALA A 410 4.79 22.41 10.01
C ALA A 410 5.31 21.06 10.41
N TYR A 411 4.41 20.10 10.52
CA TYR A 411 4.79 18.72 10.79
C TYR A 411 5.70 18.06 9.71
N VAL A 412 5.33 18.30 8.46
CA VAL A 412 6.16 17.82 7.34
C VAL A 412 7.50 18.57 7.37
N GLU A 413 7.39 19.89 7.40
CA GLU A 413 8.56 20.74 7.49
C GLU A 413 9.51 20.31 8.63
N LYS A 414 8.95 20.14 9.83
CA LYS A 414 9.69 19.76 11.03
C LYS A 414 10.44 18.42 10.94
N PHE A 415 9.84 17.43 10.28
CA PHE A 415 10.38 16.06 10.25
C PHE A 415 10.76 15.50 8.91
N SER A 416 10.85 16.35 7.88
CA SER A 416 11.30 15.92 6.55
C SER A 416 12.68 15.25 6.50
N TYR A 417 12.78 14.16 5.76
CA TYR A 417 13.99 13.38 5.61
C TYR A 417 14.36 12.67 6.90
N LYS A 418 13.36 12.34 7.72
CA LYS A 418 13.58 11.63 8.99
C LYS A 418 12.58 10.52 9.21
N SER A 419 12.89 9.66 10.17
CA SER A 419 12.02 8.54 10.58
C SER A 419 11.64 8.72 12.04
N ILE A 420 10.36 8.97 12.29
CA ILE A 420 9.86 9.27 13.64
C ILE A 420 8.95 8.21 14.30
N THR A 421 8.71 8.44 15.59
CA THR A 421 7.79 7.68 16.44
C THR A 421 6.61 8.52 16.88
N THR A 422 5.69 7.87 17.60
CA THR A 422 4.45 8.49 18.06
C THR A 422 4.75 9.61 19.07
N ASP A 423 5.68 9.41 20.01
CA ASP A 423 6.04 10.48 20.93
C ASP A 423 6.65 11.68 20.20
N ASP A 424 7.40 11.46 19.12
CA ASP A 424 7.97 12.57 18.33
C ASP A 424 6.84 13.39 17.65
N TRP A 425 5.79 12.69 17.22
CA TRP A 425 4.58 13.31 16.74
C TRP A 425 3.86 14.09 17.83
N LYS A 426 3.56 13.41 18.93
CA LYS A 426 2.79 14.00 20.01
C LYS A 426 3.52 15.10 20.73
N ASP A 427 4.86 14.99 20.80
CA ASP A 427 5.65 16.04 21.45
C ASP A 427 5.55 17.31 20.61
N PHE A 428 5.66 17.16 19.28
CA PHE A 428 5.61 18.30 18.38
C PHE A 428 4.23 18.95 18.29
N LEU A 429 3.20 18.11 18.29
CA LEU A 429 1.80 18.54 18.38
C LEU A 429 1.59 19.39 19.60
N TYR A 430 2.26 19.00 20.69
CA TYR A 430 2.23 19.77 21.94
C TYR A 430 3.04 21.07 21.88
N SER A 431 4.20 21.05 21.22
CA SER A 431 5.00 22.28 20.99
C SER A 431 4.33 23.25 20.06
N TYR A 432 3.70 22.71 19.00
CA TYR A 432 2.92 23.55 18.09
C TYR A 432 1.70 24.16 18.78
N PHE A 433 0.92 23.31 19.45
CA PHE A 433 -0.26 23.77 20.20
C PHE A 433 0.12 23.97 21.66
N LYS A 434 1.02 24.93 21.84
CA LYS A 434 1.46 25.43 23.15
C LYS A 434 0.30 26.06 23.91
N ASP A 435 -0.43 26.92 23.20
CA ASP A 435 -1.50 27.69 23.82
C ASP A 435 -2.76 26.87 24.08
N LYS A 436 -2.75 25.60 23.70
CA LYS A 436 -3.90 24.73 23.85
C LYS A 436 -3.58 23.44 24.56
N VAL A 437 -2.57 23.50 25.45
CA VAL A 437 -2.14 22.32 26.21
C VAL A 437 -3.19 21.74 27.14
N ASP A 438 -4.07 22.61 27.66
CA ASP A 438 -5.21 22.20 28.47
C ASP A 438 -6.20 21.39 27.65
N VAL A 439 -6.48 21.86 26.43
CA VAL A 439 -7.32 21.10 25.47
C VAL A 439 -6.75 19.70 25.23
N LEU A 440 -5.44 19.64 25.04
CA LEU A 440 -4.75 18.41 24.71
C LEU A 440 -4.67 17.39 25.83
N ASN A 441 -4.58 17.86 27.07
CA ASN A 441 -4.51 16.99 28.24
C ASN A 441 -5.86 16.38 28.55
N GLN A 442 -6.89 17.08 28.12
CA GLN A 442 -8.26 16.57 28.09
C GLN A 442 -8.41 15.32 27.20
N VAL A 443 -7.68 15.26 26.09
CA VAL A 443 -7.70 14.09 25.22
C VAL A 443 -7.24 12.89 26.01
N ASP A 444 -7.84 11.74 25.77
CA ASP A 444 -7.46 10.50 26.47
C ASP A 444 -6.48 9.71 25.60
N TRP A 445 -5.20 9.86 25.91
CA TRP A 445 -4.14 9.44 24.99
C TRP A 445 -3.83 7.95 25.06
N ASN A 446 -3.95 7.34 26.23
CA ASN A 446 -3.68 5.90 26.34
C ASN A 446 -4.68 5.12 25.56
N ALA A 447 -5.90 5.64 25.52
CA ALA A 447 -6.99 5.01 24.84
C ALA A 447 -6.82 5.12 23.33
N TRP A 448 -6.69 6.33 22.84
CA TRP A 448 -6.56 6.52 21.41
C TRP A 448 -5.33 5.81 20.87
N LEU A 449 -4.19 5.96 21.53
CA LEU A 449 -2.97 5.31 21.05
C LEU A 449 -2.84 3.80 21.30
N TYR A 450 -3.16 3.34 22.52
CA TYR A 450 -2.89 1.94 22.98
C TYR A 450 -4.05 1.03 23.40
N SER A 451 -5.30 1.49 23.36
CA SER A 451 -6.40 0.61 23.76
C SER A 451 -6.92 -0.02 22.49
N PRO A 452 -7.41 -1.27 22.56
CA PRO A 452 -8.00 -1.83 21.34
C PRO A 452 -9.44 -1.35 21.15
N GLY A 453 -10.11 -1.86 20.14
CA GLY A 453 -11.50 -1.48 19.85
C GLY A 453 -11.66 -0.09 19.30
N LEU A 454 -12.91 0.40 19.28
CA LEU A 454 -13.24 1.68 18.67
C LEU A 454 -12.60 2.85 19.41
N PRO A 455 -12.41 3.99 18.73
CA PRO A 455 -11.87 5.11 19.47
C PRO A 455 -12.80 5.45 20.62
N PRO A 456 -12.26 6.02 21.73
CA PRO A 456 -13.15 6.41 22.82
C PRO A 456 -14.08 7.59 22.51
N ILE A 457 -13.83 8.32 21.43
CA ILE A 457 -14.70 9.43 21.03
C ILE A 457 -14.96 9.30 19.55
N LYS A 458 -16.12 9.78 19.12
CA LYS A 458 -16.44 9.85 17.71
C LYS A 458 -16.54 11.33 17.34
N PRO A 459 -15.87 11.75 16.24
CA PRO A 459 -15.99 13.16 15.88
C PRO A 459 -17.30 13.52 15.18
N ASN A 460 -17.61 14.79 15.14
CA ASN A 460 -18.85 15.29 14.56
C ASN A 460 -18.77 15.17 13.06
N TYR A 461 -19.81 14.61 12.45
CA TYR A 461 -19.87 14.49 10.99
C TYR A 461 -21.10 15.14 10.40
N ASP A 462 -20.88 15.95 9.38
CA ASP A 462 -21.93 16.39 8.49
C ASP A 462 -22.52 15.13 7.88
N MET A 463 -23.85 15.13 7.76
CA MET A 463 -24.59 13.96 7.27
C MET A 463 -25.23 14.14 5.89
N THR A 464 -25.00 15.27 5.21
CA THR A 464 -25.82 15.65 4.05
C THR A 464 -25.90 14.67 2.88
N LEU A 465 -24.76 14.13 2.45
CA LEU A 465 -24.71 13.20 1.31
C LEU A 465 -24.91 11.80 1.77
N THR A 466 -24.75 11.59 3.07
CA THR A 466 -24.87 10.26 3.65
C THR A 466 -26.36 9.89 3.90
N ASN A 467 -27.19 10.88 4.27
CA ASN A 467 -28.59 10.65 4.68
C ASN A 467 -29.42 9.91 3.65
N ALA A 468 -29.19 10.21 2.37
CA ALA A 468 -29.83 9.47 1.28
C ALA A 468 -29.42 7.99 1.20
N CYS A 469 -28.17 7.68 1.51
CA CYS A 469 -27.71 6.29 1.51
C CYS A 469 -28.32 5.50 2.65
N ILE A 470 -28.31 6.11 3.83
CA ILE A 470 -28.87 5.50 5.04
C ILE A 470 -30.38 5.25 4.89
N ALA A 471 -31.06 6.19 4.20
CA ALA A 471 -32.51 6.08 3.95
C ALA A 471 -32.87 4.89 3.11
N LEU A 472 -32.28 4.79 1.93
CA LEU A 472 -32.54 3.67 1.03
C LEU A 472 -32.22 2.30 1.65
N SER A 473 -31.08 2.22 2.37
CA SER A 473 -30.64 0.98 3.09
C SER A 473 -31.62 0.52 4.15
N GLN A 474 -32.09 1.47 4.95
CA GLN A 474 -33.13 1.24 5.93
C GLN A 474 -34.47 0.87 5.28
N ARG A 475 -34.84 1.53 4.19
CA ARG A 475 -36.01 1.05 3.44
C ARG A 475 -35.92 -0.43 3.02
N TRP A 476 -34.77 -0.84 2.51
CA TRP A 476 -34.57 -2.27 2.14
C TRP A 476 -34.58 -3.27 3.29
N ILE A 477 -33.97 -2.84 4.40
CA ILE A 477 -33.76 -3.72 5.56
C ILE A 477 -35.07 -3.91 6.35
N THR A 478 -35.91 -2.86 6.43
CA THR A 478 -37.21 -2.89 7.11
C THR A 478 -38.33 -3.30 6.17
N ALA A 479 -38.02 -3.53 4.89
CA ALA A 479 -38.98 -4.08 3.94
C ALA A 479 -39.41 -5.52 4.27
N LYS A 480 -40.68 -5.81 4.04
CA LYS A 480 -41.19 -7.16 4.13
C LYS A 480 -41.65 -7.50 2.72
N GLU A 481 -41.89 -8.75 2.44
CA GLU A 481 -42.18 -9.16 1.07
C GLU A 481 -43.06 -8.20 0.30
N ASP A 482 -44.16 -7.79 0.95
CA ASP A 482 -45.20 -6.96 0.30
C ASP A 482 -44.79 -5.49 0.03
N ASP A 483 -43.63 -5.06 0.52
CA ASP A 483 -43.02 -3.75 0.18
C ASP A 483 -42.05 -3.78 -1.01
N LEU A 484 -41.61 -4.97 -1.41
CA LEU A 484 -40.57 -5.12 -2.43
C LEU A 484 -40.92 -4.66 -3.84
N ASN A 485 -42.22 -4.70 -4.17
CA ASN A 485 -42.76 -4.14 -5.41
C ASN A 485 -42.47 -2.65 -5.55
N SER A 486 -42.48 -1.92 -4.43
CA SER A 486 -42.20 -0.47 -4.46
C SER A 486 -40.80 -0.02 -4.78
N PHE A 487 -39.81 -0.90 -4.71
CA PHE A 487 -38.47 -0.53 -5.18
C PHE A 487 -38.43 -0.37 -6.69
N ASN A 488 -37.62 0.57 -7.14
CA ASN A 488 -37.54 0.97 -8.55
C ASN A 488 -36.17 1.64 -8.95
N ALA A 489 -35.72 1.48 -10.20
CA ALA A 489 -34.45 2.12 -10.69
C ALA A 489 -34.37 3.64 -10.48
N THR A 490 -35.51 4.29 -10.26
CA THR A 490 -35.54 5.71 -9.89
C THR A 490 -35.24 5.95 -8.40
N ASP A 491 -35.10 4.87 -7.65
CA ASP A 491 -34.60 4.97 -6.30
C ASP A 491 -33.17 5.56 -6.26
N LEU A 492 -32.40 5.30 -7.33
CA LEU A 492 -30.98 5.66 -7.41
C LEU A 492 -30.67 6.93 -8.22
N LYS A 493 -31.69 7.57 -8.81
CA LYS A 493 -31.46 8.60 -9.81
C LYS A 493 -30.65 9.80 -9.35
N ASP A 494 -30.75 10.16 -8.08
CA ASP A 494 -29.98 11.27 -7.50
C ASP A 494 -28.84 10.75 -6.65
N LEU A 495 -28.37 9.55 -6.96
CA LEU A 495 -27.24 8.93 -6.25
C LEU A 495 -25.97 8.91 -7.13
N SER A 496 -24.90 9.45 -6.59
CA SER A 496 -23.59 9.39 -7.26
C SER A 496 -23.16 7.96 -7.08
N SER A 497 -22.17 7.53 -7.84
CA SER A 497 -21.62 6.19 -7.69
C SER A 497 -21.16 5.98 -6.27
N HIS A 498 -20.64 7.04 -5.65
CA HIS A 498 -20.16 7.02 -4.27
C HIS A 498 -21.24 6.79 -3.22
N GLN A 499 -22.39 7.42 -3.40
CA GLN A 499 -23.51 7.24 -2.49
C GLN A 499 -24.09 5.86 -2.69
N LEU A 500 -24.04 5.40 -3.92
CA LEU A 500 -24.44 4.07 -4.24
C LEU A 500 -23.57 3.07 -3.51
N ASN A 501 -22.27 3.19 -3.66
CA ASN A 501 -21.35 2.37 -2.87
C ASN A 501 -21.57 2.49 -1.36
N GLU A 502 -21.81 3.69 -0.85
CA GLU A 502 -22.18 3.85 0.57
C GLU A 502 -23.54 3.15 0.96
N PHE A 503 -24.52 3.17 0.06
CA PHE A 503 -25.75 2.40 0.21
C PHE A 503 -25.46 0.91 0.36
N LEU A 504 -24.60 0.37 -0.46
CA LEU A 504 -24.24 -1.04 -0.37
C LEU A 504 -23.40 -1.31 0.87
N ALA A 505 -22.53 -0.40 1.28
CA ALA A 505 -21.74 -0.58 2.49
C ALA A 505 -22.64 -0.66 3.71
N GLN A 506 -23.61 0.26 3.77
CA GLN A 506 -24.65 0.32 4.85
C GLN A 506 -25.42 -0.99 4.93
N THR A 507 -25.76 -1.52 3.77
CA THR A 507 -26.60 -2.71 3.69
C THR A 507 -25.84 -3.96 4.06
N LEU A 508 -24.65 -4.08 3.50
CA LEU A 508 -23.72 -5.15 3.81
C LEU A 508 -23.43 -5.24 5.34
N GLN A 509 -23.40 -4.10 6.05
CA GLN A 509 -23.19 -4.12 7.50
C GLN A 509 -24.27 -4.91 8.23
N ARG A 510 -25.46 -4.98 7.65
CA ARG A 510 -26.52 -5.76 8.23
C ARG A 510 -26.73 -7.12 7.52
N ALA A 511 -25.75 -7.64 6.81
CA ALA A 511 -25.99 -8.89 6.09
C ALA A 511 -26.01 -10.04 7.09
N PRO A 512 -26.83 -11.09 6.86
CA PRO A 512 -27.59 -11.21 5.61
C PRO A 512 -28.98 -10.59 5.54
N LEU A 513 -29.47 -10.64 4.32
CA LEU A 513 -30.83 -10.28 3.97
C LEU A 513 -31.56 -11.49 3.34
N PRO A 514 -32.90 -11.40 3.29
CA PRO A 514 -33.61 -12.48 2.70
C PRO A 514 -33.20 -12.62 1.24
N LEU A 515 -33.06 -13.84 0.74
CA LEU A 515 -32.75 -14.10 -0.66
C LEU A 515 -33.62 -13.30 -1.56
N GLY A 516 -34.89 -13.16 -1.20
CA GLY A 516 -35.85 -12.42 -1.98
C GLY A 516 -35.52 -10.96 -2.17
N HIS A 517 -35.05 -10.29 -1.12
CA HIS A 517 -34.70 -8.85 -1.22
C HIS A 517 -33.51 -8.68 -2.18
N ILE A 518 -32.54 -9.60 -2.07
CA ILE A 518 -31.35 -9.54 -2.90
C ILE A 518 -31.82 -9.69 -4.33
N LYS A 519 -32.56 -10.77 -4.58
CA LYS A 519 -33.15 -11.07 -5.92
C LYS A 519 -33.86 -9.87 -6.53
N ARG A 520 -34.69 -9.24 -5.71
CA ARG A 520 -35.38 -8.04 -6.11
C ARG A 520 -34.42 -6.89 -6.38
N MET A 521 -33.38 -6.75 -5.55
CA MET A 521 -32.43 -5.63 -5.69
C MET A 521 -31.73 -5.70 -7.05
N GLN A 522 -31.38 -6.90 -7.46
CA GLN A 522 -30.83 -7.13 -8.79
C GLN A 522 -31.85 -6.77 -9.86
N GLU A 523 -33.04 -7.27 -9.65
CA GLU A 523 -34.19 -7.12 -10.54
C GLU A 523 -34.38 -5.65 -10.91
N VAL A 524 -34.38 -4.73 -9.93
CA VAL A 524 -34.60 -3.30 -10.24
C VAL A 524 -33.39 -2.38 -10.32
N TYR A 525 -32.26 -2.77 -9.72
CA TYR A 525 -31.03 -1.97 -9.78
C TYR A 525 -29.97 -2.47 -10.78
N ASN A 526 -30.14 -3.67 -11.32
CA ASN A 526 -29.16 -4.30 -12.17
C ASN A 526 -27.74 -4.06 -11.71
N PHE A 527 -27.46 -4.39 -10.45
CA PHE A 527 -26.13 -4.17 -9.92
C PHE A 527 -25.09 -4.97 -10.67
N ASN A 528 -25.47 -6.18 -11.06
CA ASN A 528 -24.64 -7.06 -11.85
C ASN A 528 -23.99 -6.43 -13.05
N ALA A 529 -24.64 -5.45 -13.67
CA ALA A 529 -24.08 -4.73 -14.82
C ALA A 529 -22.98 -3.79 -14.46
N ILE A 530 -22.92 -3.40 -13.19
CA ILE A 530 -21.94 -2.40 -12.78
C ILE A 530 -20.54 -3.01 -12.80
N ASN A 531 -19.59 -2.24 -13.35
CA ASN A 531 -18.21 -2.65 -13.47
C ASN A 531 -17.25 -1.91 -12.50
N ASN A 532 -17.71 -0.81 -11.86
CA ASN A 532 -16.98 -0.18 -10.75
C ASN A 532 -16.55 -1.24 -9.71
N SER A 533 -15.26 -1.34 -9.48
CA SER A 533 -14.77 -2.43 -8.64
C SER A 533 -15.24 -2.29 -7.20
N GLU A 534 -15.37 -1.09 -6.63
CA GLU A 534 -15.85 -0.96 -5.25
C GLU A 534 -17.32 -1.43 -5.05
N ILE A 535 -18.17 -1.00 -5.98
CA ILE A 535 -19.59 -1.32 -5.95
C ILE A 535 -19.81 -2.82 -6.11
N ARG A 536 -19.18 -3.36 -7.12
CA ARG A 536 -19.32 -4.74 -7.47
C ARG A 536 -18.91 -5.60 -6.31
N PHE A 537 -17.72 -5.35 -5.78
CA PHE A 537 -17.22 -6.11 -4.63
C PHE A 537 -18.30 -6.20 -3.52
N ARG A 538 -18.87 -5.06 -3.12
CA ARG A 538 -19.83 -5.05 -2.01
C ARG A 538 -21.18 -5.70 -2.36
N TRP A 539 -21.68 -5.38 -3.55
CA TRP A 539 -22.81 -6.10 -4.12
C TRP A 539 -22.60 -7.61 -4.17
N LEU A 540 -21.43 -8.07 -4.60
CA LEU A 540 -21.14 -9.50 -4.58
C LEU A 540 -21.04 -10.11 -3.15
N ARG A 541 -20.39 -9.40 -2.26
CA ARG A 541 -20.31 -9.81 -0.88
C ARG A 541 -21.72 -9.92 -0.28
N LEU A 542 -22.56 -8.94 -0.58
CA LEU A 542 -23.94 -8.91 -0.08
C LEU A 542 -24.69 -10.15 -0.60
N CYS A 543 -24.50 -10.50 -1.86
CA CYS A 543 -25.18 -11.64 -2.48
C CYS A 543 -24.77 -12.94 -1.86
N ILE A 544 -23.46 -13.19 -1.74
CA ILE A 544 -22.92 -14.41 -1.09
C ILE A 544 -23.30 -14.53 0.40
N GLN A 545 -23.12 -13.48 1.16
CA GLN A 545 -23.57 -13.47 2.56
C GLN A 545 -25.10 -13.73 2.71
N SER A 546 -25.87 -13.29 1.73
CA SER A 546 -27.31 -13.56 1.68
C SER A 546 -27.66 -14.87 0.94
N LYS A 547 -26.65 -15.70 0.67
CA LYS A 547 -26.82 -17.09 0.21
C LYS A 547 -27.29 -17.27 -1.22
N TRP A 548 -26.99 -16.33 -2.11
CA TRP A 548 -27.43 -16.42 -3.49
C TRP A 548 -26.47 -17.15 -4.44
N GLU A 549 -26.86 -18.38 -4.78
CA GLU A 549 -26.08 -19.29 -5.64
C GLU A 549 -25.63 -18.75 -6.98
N ASP A 550 -26.46 -17.88 -7.55
CA ASP A 550 -26.18 -17.33 -8.84
C ASP A 550 -24.91 -16.47 -8.79
N ALA A 551 -24.65 -15.86 -7.65
CA ALA A 551 -23.48 -14.99 -7.46
C ALA A 551 -22.16 -15.75 -7.18
N ILE A 552 -22.20 -17.08 -6.96
CA ILE A 552 -20.96 -17.85 -6.78
C ILE A 552 -19.98 -17.66 -7.96
N PRO A 553 -20.40 -17.97 -9.21
CA PRO A 553 -19.46 -17.77 -10.31
C PRO A 553 -18.95 -16.32 -10.49
N LEU A 554 -19.79 -15.34 -10.22
CA LEU A 554 -19.39 -13.94 -10.34
C LEU A 554 -18.36 -13.59 -9.27
N ALA A 555 -18.67 -13.97 -8.02
CA ALA A 555 -17.79 -13.64 -6.91
C ALA A 555 -16.49 -14.40 -7.07
N LEU A 556 -16.58 -15.67 -7.49
CA LEU A 556 -15.40 -16.46 -7.87
C LEU A 556 -14.59 -15.77 -8.91
N LYS A 557 -15.29 -15.34 -9.96
CA LYS A 557 -14.65 -14.73 -11.12
C LYS A 557 -13.98 -13.47 -10.68
N MET A 558 -14.59 -12.67 -9.81
CA MET A 558 -13.88 -11.48 -9.34
C MET A 558 -12.67 -11.80 -8.47
N ALA A 559 -12.78 -12.80 -7.61
CA ALA A 559 -11.69 -13.16 -6.69
C ALA A 559 -10.37 -13.61 -7.36
N THR A 560 -10.47 -14.15 -8.56
CA THR A 560 -9.34 -14.67 -9.29
C THR A 560 -8.86 -13.74 -10.40
N GLU A 561 -9.75 -13.15 -11.19
CA GLU A 561 -9.35 -12.31 -12.35
C GLU A 561 -8.62 -11.05 -11.95
N GLN A 562 -8.94 -10.55 -10.76
CA GLN A 562 -8.11 -9.56 -10.12
C GLN A 562 -7.58 -10.12 -8.79
N GLY A 563 -6.59 -9.41 -8.26
CA GLY A 563 -5.83 -9.89 -7.10
C GLY A 563 -5.52 -8.82 -6.09
N ARG A 564 -6.32 -7.77 -6.06
CA ARG A 564 -6.17 -6.75 -5.06
C ARG A 564 -6.71 -7.37 -3.75
N MET A 565 -5.84 -7.47 -2.74
CA MET A 565 -6.17 -8.08 -1.48
C MET A 565 -7.39 -7.47 -0.81
N LYS A 566 -7.61 -6.16 -0.92
CA LYS A 566 -8.82 -5.54 -0.35
C LYS A 566 -10.10 -6.23 -0.85
N PHE A 567 -10.14 -6.63 -2.12
CA PHE A 567 -11.25 -7.42 -2.67
C PHE A 567 -11.07 -8.94 -2.62
N THR A 568 -9.88 -9.42 -2.94
CA THR A 568 -9.68 -10.90 -3.09
C THR A 568 -9.92 -11.70 -1.80
N ARG A 569 -9.47 -11.18 -0.67
CA ARG A 569 -9.47 -11.95 0.57
C ARG A 569 -10.86 -12.03 1.20
N PRO A 570 -11.59 -10.92 1.22
CA PRO A 570 -12.94 -11.10 1.72
C PRO A 570 -13.84 -11.95 0.81
N LEU A 571 -13.57 -11.94 -0.48
CA LEU A 571 -14.39 -12.71 -1.39
C LEU A 571 -14.20 -14.20 -1.20
N PHE A 572 -12.94 -14.63 -1.08
CA PHE A 572 -12.61 -16.05 -0.79
C PHE A 572 -13.12 -16.43 0.60
N LYS A 573 -13.07 -15.48 1.53
CA LYS A 573 -13.58 -15.69 2.88
C LYS A 573 -15.11 -15.91 2.94
N ASP A 574 -15.85 -14.99 2.33
CA ASP A 574 -17.28 -15.13 2.24
C ASP A 574 -17.65 -16.45 1.57
N LEU A 575 -17.01 -16.74 0.45
CA LEU A 575 -17.23 -17.98 -0.30
C LEU A 575 -16.89 -19.26 0.48
N ALA A 576 -15.82 -19.20 1.27
CA ALA A 576 -15.48 -20.30 2.15
C ALA A 576 -16.64 -20.54 3.13
N ALA A 577 -17.21 -19.46 3.64
CA ALA A 577 -18.30 -19.55 4.64
C ALA A 577 -19.62 -20.11 4.09
N PHE A 578 -19.90 -19.88 2.82
CA PHE A 578 -21.19 -20.24 2.23
C PHE A 578 -21.09 -21.68 1.80
N ASP A 579 -21.94 -22.48 2.40
CA ASP A 579 -21.90 -23.93 2.21
C ASP A 579 -21.90 -24.37 0.74
N LYS A 580 -22.76 -23.76 -0.06
CA LYS A 580 -22.91 -24.13 -1.49
C LYS A 580 -21.65 -23.97 -2.34
N SER A 581 -20.80 -22.99 -1.97
CA SER A 581 -19.57 -22.63 -2.70
C SER A 581 -18.24 -22.95 -1.99
N HIS A 582 -18.26 -23.31 -0.70
CA HIS A 582 -17.03 -23.58 0.08
C HIS A 582 -15.98 -24.41 -0.66
N ASP A 583 -16.42 -25.51 -1.24
CA ASP A 583 -15.52 -26.44 -1.92
C ASP A 583 -14.96 -25.94 -3.23
N GLN A 584 -15.72 -25.12 -3.96
CA GLN A 584 -15.21 -24.47 -5.17
C GLN A 584 -14.22 -23.36 -4.78
N ALA A 585 -14.48 -22.67 -3.69
CA ALA A 585 -13.58 -21.62 -3.22
C ALA A 585 -12.24 -22.19 -2.81
N VAL A 586 -12.20 -23.32 -2.11
CA VAL A 586 -10.92 -23.92 -1.75
C VAL A 586 -10.21 -24.45 -3.00
N ARG A 587 -10.95 -25.09 -3.89
CA ARG A 587 -10.37 -25.72 -5.09
C ARG A 587 -9.89 -24.68 -6.11
N THR A 588 -10.50 -23.51 -6.08
CA THR A 588 -10.14 -22.44 -7.01
C THR A 588 -8.84 -21.77 -6.56
N TYR A 589 -8.71 -21.53 -5.26
CA TYR A 589 -7.45 -21.12 -4.67
C TYR A 589 -6.33 -22.07 -5.03
N GLN A 590 -6.53 -23.37 -4.81
CA GLN A 590 -5.50 -24.37 -5.09
C GLN A 590 -5.16 -24.52 -6.59
N GLU A 591 -6.14 -24.27 -7.46
CA GLU A 591 -5.89 -24.16 -8.91
C GLU A 591 -5.03 -22.97 -9.37
N HIS A 592 -5.22 -21.85 -8.67
CA HIS A 592 -4.56 -20.57 -8.95
C HIS A 592 -3.47 -20.19 -7.94
N LYS A 593 -3.16 -21.03 -6.95
CA LYS A 593 -2.16 -20.66 -5.92
C LYS A 593 -0.85 -20.34 -6.59
N ALA A 594 -0.42 -21.20 -7.52
CA ALA A 594 0.92 -21.11 -8.16
C ALA A 594 1.09 -19.81 -8.90
N SER A 595 0.05 -19.45 -9.63
CA SER A 595 0.03 -18.28 -10.47
C SER A 595 -0.25 -16.96 -9.70
N MET A 596 -0.46 -17.04 -8.37
CA MET A 596 -0.80 -15.85 -7.54
C MET A 596 0.42 -15.11 -7.00
N HIS A 597 0.22 -13.83 -6.65
CA HIS A 597 1.24 -13.04 -5.98
C HIS A 597 1.58 -13.72 -4.65
N PRO A 598 2.88 -13.87 -4.33
CA PRO A 598 3.20 -14.73 -3.16
C PRO A 598 2.58 -14.34 -1.80
N VAL A 599 2.54 -13.05 -1.49
CA VAL A 599 1.90 -12.57 -0.26
C VAL A 599 0.38 -12.81 -0.26
N THR A 600 -0.27 -12.46 -1.37
CA THR A 600 -1.70 -12.72 -1.51
C THR A 600 -1.98 -14.20 -1.35
N ALA A 601 -1.19 -15.02 -2.06
CA ALA A 601 -1.28 -16.49 -1.97
C ALA A 601 -1.11 -16.99 -0.53
N MET A 602 -0.17 -16.38 0.17
CA MET A 602 0.05 -16.76 1.54
C MET A 602 -1.19 -16.46 2.38
N LEU A 603 -1.66 -15.22 2.34
CA LEU A 603 -2.76 -14.80 3.20
C LEU A 603 -4.08 -15.47 2.91
N VAL A 604 -4.34 -15.82 1.66
CA VAL A 604 -5.54 -16.55 1.31
C VAL A 604 -5.48 -18.01 1.76
N GLY A 605 -4.35 -18.67 1.56
CA GLY A 605 -4.14 -19.99 2.16
C GLY A 605 -4.38 -20.06 3.66
N LYS A 606 -3.91 -19.04 4.41
CA LYS A 606 -4.20 -19.00 5.85
C LYS A 606 -5.65 -18.69 6.14
N ASP A 607 -6.17 -17.67 5.47
CA ASP A 607 -7.60 -17.35 5.47
C ASP A 607 -8.52 -18.53 5.20
N LEU A 608 -8.11 -19.39 4.26
CA LEU A 608 -8.88 -20.58 3.85
C LEU A 608 -8.55 -21.84 4.65
N LYS A 609 -7.56 -21.75 5.56
CA LYS A 609 -7.14 -22.87 6.43
C LYS A 609 -6.78 -24.13 5.60
N VAL A 610 -6.05 -23.90 4.51
CA VAL A 610 -5.72 -24.97 3.53
C VAL A 610 -4.83 -26.08 4.09
ZN ZN B . -1.05 4.22 2.23
YB YB C . -46.68 -5.20 4.98
N1 IMD D . -19.14 2.84 5.04
C2 IMD D . -18.26 1.92 5.44
N3 IMD D . -18.89 1.06 6.31
C4 IMD D . -20.17 1.46 6.46
C5 IMD D . -20.30 2.58 5.67
CAA 8KW E . 1.73 -2.95 2.45
OAB 8KW E . 2.51 -2.39 3.50
CAC 8KW E . 2.57 -3.13 4.62
CAD 8KW E . 2.30 -2.53 5.84
CAK 8KW E . 2.89 -4.49 4.55
CAL 8KW E . 2.95 -5.24 5.68
OAQ 8KW E . 3.29 -6.55 5.49
CAM 8KW E . 2.66 -4.61 6.91
CAE 8KW E . 2.33 -3.25 7.02
CAF 8KW E . 2.01 -2.53 8.20
CAG 8KW E . 1.74 -3.41 9.45
CAH 8KW E . 0.96 -2.68 10.45
CAI 8KW E . 1.57 -1.63 11.12
CAJ 8KW E . 0.89 -0.86 12.09
CAP 8KW E . -0.42 -1.13 12.46
CAO 8KW E . -1.05 -2.19 11.84
CAN 8KW E . -0.36 -2.94 10.87
OAR 8KW E . -1.05 -3.92 10.29
C ACT F . -1.22 2.60 0.51
O ACT F . -0.66 3.52 -0.16
OXT ACT F . -1.41 2.72 1.74
CH3 ACT F . -1.65 1.29 -0.08
#